data_1QI7
#
_entry.id   1QI7
#
_cell.length_a   67.530
_cell.length_b   67.530
_cell.length_c   119.670
_cell.angle_alpha   90.00
_cell.angle_beta   90.00
_cell.angle_gamma   90.00
#
_symmetry.space_group_name_H-M   'P 43 2 2'
#
loop_
_entity.id
_entity.type
_entity.pdbx_description
1 polymer 'PROTEIN (N-GLYCOSIDASE)'
2 non-polymer 'SULFATE ION'
3 water water
#
_entity_poly.entity_id   1
_entity_poly.type   'polypeptide(L)'
_entity_poly.pdbx_seq_one_letter_code
;VTSITLDLVNPTAGQYSSFVDKIRNNVKDPNLKYGGTDIAVIGPPSKEKFLRINFQSSRGTVSLGLKRDNLYVVAYLAMD
NTNVNRAYYFKSEITSAELTALFPEATTANQKALEYTEDYQSIEKNAQITQGDKSRKELGLGIDLLLTFMEAVNKKARVV
KNEARFLLIAIQMTAEVARFRYIQNLVTKNFPNKFDSDNKVIQFEVSWRKISTAIYGDAKNGVFNKDYDFGFGKVRQVKD
LQMGLLMYLGKPK
;
_entity_poly.pdbx_strand_id   A
#
loop_
_chem_comp.id
_chem_comp.type
_chem_comp.name
_chem_comp.formula
SO4 non-polymer 'SULFATE ION' 'O4 S -2'
#
# COMPACT_ATOMS: atom_id res chain seq x y z
N VAL A 1 -2.11 14.90 -11.69
CA VAL A 1 -2.21 13.76 -10.72
C VAL A 1 -2.13 14.36 -9.32
N THR A 2 -2.85 13.85 -8.34
CA THR A 2 -2.74 14.30 -6.97
C THR A 2 -1.50 13.66 -6.33
N SER A 3 -0.76 14.41 -5.54
CA SER A 3 0.38 13.76 -4.88
C SER A 3 0.27 14.05 -3.39
N ILE A 4 0.71 13.11 -2.58
CA ILE A 4 0.68 13.15 -1.15
C ILE A 4 2.11 12.84 -0.69
N THR A 5 2.66 13.71 0.14
CA THR A 5 4.03 13.52 0.54
C THR A 5 4.16 13.08 1.99
N LEU A 6 4.98 12.05 2.19
CA LEU A 6 5.33 11.68 3.55
C LEU A 6 6.78 12.19 3.76
N ASP A 7 6.93 13.05 4.75
CA ASP A 7 8.25 13.57 5.12
C ASP A 7 8.92 12.64 6.11
N LEU A 8 10.03 12.00 5.74
CA LEU A 8 10.66 11.04 6.64
C LEU A 8 11.87 11.59 7.39
N VAL A 9 12.00 12.90 7.46
CA VAL A 9 13.06 13.55 8.23
C VAL A 9 12.42 13.80 9.60
N ASN A 10 12.73 12.98 10.59
CA ASN A 10 12.18 13.09 11.93
C ASN A 10 10.66 13.26 12.00
N PRO A 11 9.94 12.25 11.49
CA PRO A 11 8.48 12.28 11.47
C PRO A 11 7.85 12.03 12.82
N THR A 12 6.57 12.40 12.97
CA THR A 12 5.90 12.03 14.23
C THR A 12 4.78 11.05 13.91
N ALA A 13 4.29 10.36 14.95
CA ALA A 13 3.22 9.38 14.73
C ALA A 13 1.97 10.06 14.22
N GLY A 14 1.69 11.27 14.66
CA GLY A 14 0.54 12.08 14.27
C GLY A 14 0.64 12.48 12.81
N GLN A 15 1.86 12.77 12.33
CA GLN A 15 2.04 13.08 10.92
C GLN A 15 1.86 11.81 10.05
N TYR A 16 2.33 10.67 10.50
CA TYR A 16 2.09 9.44 9.71
C TYR A 16 0.59 9.13 9.68
N SER A 17 -0.15 9.23 10.79
CA SER A 17 -1.60 8.97 10.76
C SER A 17 -2.37 9.94 9.87
N SER A 18 -1.95 11.21 9.85
CA SER A 18 -2.58 12.17 8.97
C SER A 18 -2.31 11.82 7.51
N PHE A 19 -1.10 11.34 7.19
CA PHE A 19 -0.74 10.90 5.86
C PHE A 19 -1.63 9.73 5.42
N VAL A 20 -1.80 8.74 6.32
CA VAL A 20 -2.68 7.62 6.00
C VAL A 20 -4.10 8.11 5.73
N ASP A 21 -4.61 9.01 6.58
CA ASP A 21 -5.95 9.55 6.34
C ASP A 21 -6.10 10.32 5.04
N LYS A 22 -5.04 11.00 4.59
CA LYS A 22 -5.12 11.67 3.30
C LYS A 22 -5.28 10.61 2.20
N ILE A 23 -4.58 9.48 2.30
CA ILE A 23 -4.86 8.46 1.24
C ILE A 23 -6.31 8.06 1.25
N ARG A 24 -6.83 7.66 2.42
CA ARG A 24 -8.21 7.23 2.55
C ARG A 24 -9.17 8.31 2.05
N ASN A 25 -8.93 9.55 2.46
CA ASN A 25 -9.80 10.66 2.08
C ASN A 25 -9.72 10.94 0.57
N ASN A 26 -8.59 10.64 -0.06
CA ASN A 26 -8.58 10.87 -1.53
C ASN A 26 -9.40 9.83 -2.28
N VAL A 27 -9.43 8.55 -1.91
CA VAL A 27 -10.09 7.54 -2.76
C VAL A 27 -11.52 7.21 -2.37
N LYS A 28 -11.89 7.60 -1.16
CA LYS A 28 -13.20 7.12 -0.68
C LYS A 28 -14.33 7.92 -1.32
N ASP A 29 -15.48 7.28 -1.34
CA ASP A 29 -16.72 7.97 -1.74
C ASP A 29 -17.45 8.10 -0.40
N PRO A 30 -17.65 9.29 0.12
CA PRO A 30 -18.32 9.44 1.41
C PRO A 30 -19.79 9.08 1.36
N ASN A 31 -20.42 8.90 0.20
CA ASN A 31 -21.81 8.52 0.09
C ASN A 31 -22.08 7.03 0.17
N LEU A 32 -21.06 6.20 0.19
CA LEU A 32 -21.30 4.77 0.24
C LEU A 32 -21.13 4.19 1.63
N LYS A 33 -21.99 3.26 2.00
CA LYS A 33 -21.73 2.57 3.27
C LYS A 33 -22.31 1.17 3.17
N TYR A 34 -21.56 0.20 3.60
CA TYR A 34 -21.92 -1.21 3.43
C TYR A 34 -22.15 -1.90 4.77
N GLY A 35 -23.10 -2.82 4.81
CA GLY A 35 -23.36 -3.65 5.97
C GLY A 35 -23.83 -2.87 7.20
N GLY A 36 -24.27 -1.64 7.01
CA GLY A 36 -24.69 -0.84 8.15
C GLY A 36 -23.49 -0.35 8.94
N THR A 37 -22.28 -0.31 8.37
CA THR A 37 -21.15 0.20 9.14
C THR A 37 -20.76 1.58 8.60
N ASP A 38 -19.84 2.25 9.26
CA ASP A 38 -19.35 3.54 8.81
C ASP A 38 -17.94 3.42 8.22
N ILE A 39 -17.48 2.24 7.90
CA ILE A 39 -16.13 2.11 7.33
C ILE A 39 -16.10 2.83 5.97
N ALA A 40 -15.02 3.54 5.67
CA ALA A 40 -14.91 4.22 4.37
C ALA A 40 -14.80 3.21 3.23
N VAL A 41 -15.43 3.50 2.10
CA VAL A 41 -15.47 2.64 0.92
C VAL A 41 -14.82 3.39 -0.26
N ILE A 42 -13.93 2.72 -0.98
CA ILE A 42 -13.29 3.30 -2.17
C ILE A 42 -14.37 3.63 -3.20
N GLY A 43 -14.26 4.76 -3.91
CA GLY A 43 -15.33 5.10 -4.86
C GLY A 43 -15.13 4.38 -6.18
N PRO A 44 -16.08 4.58 -7.09
CA PRO A 44 -16.03 3.98 -8.41
C PRO A 44 -14.84 4.49 -9.23
N PRO A 45 -14.53 3.77 -10.31
CA PRO A 45 -13.41 4.17 -11.17
C PRO A 45 -13.73 5.53 -11.83
N SER A 46 -12.73 6.29 -12.14
CA SER A 46 -12.90 7.57 -12.82
C SER A 46 -11.70 7.82 -13.71
N LYS A 47 -11.71 8.96 -14.42
CA LYS A 47 -10.57 9.29 -15.25
C LYS A 47 -9.33 9.67 -14.45
N GLU A 48 -9.45 10.01 -13.16
CA GLU A 48 -8.25 10.28 -12.37
C GLU A 48 -7.87 8.91 -11.81
N LYS A 49 -7.05 8.20 -12.58
CA LYS A 49 -6.77 6.80 -12.33
C LYS A 49 -5.71 6.55 -11.26
N PHE A 50 -4.76 7.48 -11.18
CA PHE A 50 -3.59 7.25 -10.30
C PHE A 50 -3.35 8.27 -9.20
N LEU A 51 -2.72 7.87 -8.13
CA LEU A 51 -2.36 8.68 -6.99
C LEU A 51 -0.83 8.61 -6.79
N ARG A 52 -0.16 9.75 -6.62
CA ARG A 52 1.28 9.74 -6.47
C ARG A 52 1.66 9.94 -5.01
N ILE A 53 2.53 9.07 -4.49
CA ILE A 53 2.97 9.17 -3.11
C ILE A 53 4.45 9.54 -3.19
N ASN A 54 4.86 10.59 -2.50
CA ASN A 54 6.27 10.93 -2.45
C ASN A 54 6.87 10.60 -1.07
N PHE A 55 8.00 9.88 -1.03
CA PHE A 55 8.67 9.70 0.24
C PHE A 55 9.90 10.65 0.20
N GLN A 56 9.94 11.57 1.13
CA GLN A 56 11.01 12.56 1.16
C GLN A 56 11.99 12.30 2.27
N SER A 57 13.28 12.18 1.96
CA SER A 57 14.27 12.11 3.07
C SER A 57 15.15 13.35 2.93
N SER A 58 16.24 13.47 3.70
CA SER A 58 17.10 14.64 3.51
C SER A 58 18.01 14.43 2.30
N ARG A 59 18.10 13.25 1.70
CA ARG A 59 18.88 12.94 0.53
C ARG A 59 18.11 12.95 -0.77
N GLY A 60 16.78 13.09 -0.76
CA GLY A 60 16.09 13.09 -2.07
C GLY A 60 14.70 12.47 -1.88
N THR A 61 13.98 12.31 -2.97
CA THR A 61 12.62 11.80 -2.94
C THR A 61 12.52 10.59 -3.83
N VAL A 62 11.78 9.58 -3.39
CA VAL A 62 11.45 8.39 -4.17
C VAL A 62 9.90 8.38 -4.15
N SER A 63 9.27 8.17 -5.29
CA SER A 63 7.84 8.24 -5.44
C SER A 63 7.24 6.89 -5.82
N LEU A 64 5.97 6.72 -5.42
CA LEU A 64 5.30 5.44 -5.68
C LEU A 64 3.96 5.73 -6.32
N GLY A 65 3.52 4.96 -7.31
CA GLY A 65 2.19 5.27 -7.90
C GLY A 65 1.22 4.18 -7.41
N LEU A 66 -0.01 4.54 -7.09
CA LEU A 66 -1.02 3.57 -6.70
C LEU A 66 -2.29 3.81 -7.52
N LYS A 67 -3.02 2.76 -7.81
CA LYS A 67 -4.25 2.98 -8.55
C LYS A 67 -5.31 3.54 -7.64
N ARG A 68 -6.15 4.49 -8.04
CA ARG A 68 -7.13 5.04 -7.11
C ARG A 68 -8.35 4.12 -6.98
N ASP A 69 -8.57 3.24 -7.96
CA ASP A 69 -9.82 2.43 -7.85
C ASP A 69 -9.67 1.23 -6.94
N ASN A 70 -8.43 0.81 -6.63
CA ASN A 70 -8.25 -0.34 -5.75
C ASN A 70 -6.99 -0.29 -4.89
N LEU A 71 -6.19 0.77 -4.97
CA LEU A 71 -4.94 0.91 -4.25
C LEU A 71 -3.86 -0.09 -4.62
N TYR A 72 -3.93 -0.72 -5.80
CA TYR A 72 -2.83 -1.57 -6.23
C TYR A 72 -1.60 -0.75 -6.63
N VAL A 73 -0.42 -1.38 -6.52
CA VAL A 73 0.80 -0.61 -6.84
C VAL A 73 0.96 -0.61 -8.36
N VAL A 74 1.51 0.46 -8.90
CA VAL A 74 1.60 0.59 -10.38
C VAL A 74 3.04 0.82 -10.81
N ALA A 75 3.83 1.58 -10.07
CA ALA A 75 5.17 1.95 -10.53
C ALA A 75 5.90 2.69 -9.41
N TYR A 76 7.19 2.94 -9.61
CA TYR A 76 7.96 3.76 -8.68
C TYR A 76 8.96 4.58 -9.51
N LEU A 77 9.37 5.68 -8.94
CA LEU A 77 10.28 6.65 -9.56
C LEU A 77 11.47 6.88 -8.63
N ALA A 78 12.69 6.75 -9.14
CA ALA A 78 13.85 7.02 -8.28
C ALA A 78 14.99 7.51 -9.17
N MET A 79 15.87 8.33 -8.59
CA MET A 79 17.05 8.73 -9.41
C MET A 79 18.08 7.64 -9.25
N ASP A 80 18.86 7.35 -10.30
CA ASP A 80 19.91 6.36 -10.23
C ASP A 80 21.20 7.02 -9.78
N ASN A 81 22.33 6.31 -9.85
CA ASN A 81 23.58 6.89 -9.33
C ASN A 81 24.19 7.97 -10.19
N THR A 82 23.61 8.34 -11.34
CA THR A 82 24.08 9.45 -12.13
C THR A 82 23.04 10.56 -12.08
N ASN A 83 22.15 10.51 -11.11
CA ASN A 83 21.10 11.47 -10.91
C ASN A 83 20.10 11.58 -12.04
N VAL A 84 19.81 10.48 -12.70
CA VAL A 84 18.84 10.50 -13.77
C VAL A 84 17.53 9.94 -13.18
N ASN A 85 16.42 10.62 -13.42
CA ASN A 85 15.12 10.09 -12.95
C ASN A 85 14.66 8.89 -13.79
N ARG A 86 14.40 7.76 -13.20
CA ARG A 86 13.97 6.56 -13.87
C ARG A 86 12.64 6.08 -13.26
N ALA A 87 11.75 5.68 -14.14
CA ALA A 87 10.44 5.18 -13.68
C ALA A 87 10.36 3.70 -14.04
N TYR A 88 9.90 2.89 -13.10
CA TYR A 88 9.80 1.44 -13.22
C TYR A 88 8.34 1.03 -13.05
N TYR A 89 7.79 0.26 -13.98
CA TYR A 89 6.38 0.01 -13.89
C TYR A 89 5.92 -1.40 -14.18
N PHE A 90 4.75 -1.67 -13.59
CA PHE A 90 4.10 -2.97 -13.81
C PHE A 90 3.18 -2.80 -15.00
N LYS A 91 3.44 -3.50 -16.08
CA LYS A 91 2.65 -3.39 -17.30
C LYS A 91 1.18 -3.71 -17.14
N SER A 92 0.80 -4.63 -16.27
CA SER A 92 -0.63 -4.89 -16.13
C SER A 92 -1.35 -3.77 -15.42
N GLU A 93 -0.68 -2.83 -14.74
CA GLU A 93 -1.37 -1.74 -14.08
C GLU A 93 -1.34 -0.42 -14.81
N ILE A 94 -0.33 -0.20 -15.67
CA ILE A 94 -0.23 1.13 -16.29
C ILE A 94 0.58 0.98 -17.59
N THR A 95 0.36 1.94 -18.50
CA THR A 95 1.02 1.87 -19.81
C THR A 95 2.13 2.92 -19.79
N SER A 96 3.06 2.83 -20.73
CA SER A 96 4.14 3.82 -20.84
C SER A 96 3.58 5.22 -21.05
N ALA A 97 2.51 5.34 -21.84
CA ALA A 97 1.81 6.58 -22.11
C ALA A 97 1.24 7.26 -20.87
N GLU A 98 0.54 6.54 -20.03
CA GLU A 98 -0.05 7.08 -18.82
C GLU A 98 1.04 7.33 -17.77
N LEU A 99 2.13 6.59 -17.84
CA LEU A 99 3.24 6.78 -16.90
C LEU A 99 3.89 8.15 -17.08
N THR A 100 3.85 8.71 -18.29
CA THR A 100 4.40 10.05 -18.47
C THR A 100 3.53 11.11 -17.81
N ALA A 101 2.25 10.86 -17.52
CA ALA A 101 1.42 11.81 -16.79
C ALA A 101 1.62 11.64 -15.28
N LEU A 102 1.89 10.42 -14.85
CA LEU A 102 2.07 10.14 -13.43
C LEU A 102 3.46 10.64 -12.98
N PHE A 103 4.49 10.34 -13.74
CA PHE A 103 5.85 10.81 -13.43
C PHE A 103 6.37 11.56 -14.67
N PRO A 104 6.03 12.84 -14.79
CA PRO A 104 6.44 13.68 -15.89
C PRO A 104 7.95 13.87 -15.92
N GLU A 105 8.60 13.74 -14.76
CA GLU A 105 10.03 13.84 -14.68
C GLU A 105 10.75 12.78 -15.52
N ALA A 106 10.19 11.59 -15.73
CA ALA A 106 10.94 10.58 -16.46
C ALA A 106 10.49 10.59 -17.93
N THR A 107 11.45 10.70 -18.84
CA THR A 107 11.19 10.58 -20.27
C THR A 107 10.96 9.13 -20.64
N THR A 108 10.47 8.92 -21.87
CA THR A 108 10.10 7.60 -22.36
C THR A 108 11.20 6.57 -22.32
N ALA A 109 12.40 6.95 -22.78
CA ALA A 109 13.53 6.03 -22.75
C ALA A 109 14.00 5.82 -21.33
N ASN A 110 13.60 6.58 -20.32
CA ASN A 110 14.02 6.37 -18.95
C ASN A 110 12.96 5.60 -18.19
N GLN A 111 11.97 5.06 -18.88
CA GLN A 111 10.96 4.19 -18.26
C GLN A 111 11.40 2.74 -18.47
N LYS A 112 11.21 1.87 -17.48
CA LYS A 112 11.56 0.46 -17.62
C LYS A 112 10.41 -0.40 -17.15
N ALA A 113 9.95 -1.30 -18.00
CA ALA A 113 8.89 -2.25 -17.57
C ALA A 113 9.52 -3.28 -16.64
N LEU A 114 8.95 -3.50 -15.43
CA LEU A 114 9.51 -4.50 -14.55
C LEU A 114 9.30 -5.90 -15.15
N GLU A 115 10.26 -6.75 -14.84
CA GLU A 115 10.33 -8.10 -15.35
C GLU A 115 9.53 -9.09 -14.50
N TYR A 116 8.99 -8.68 -13.35
CA TYR A 116 8.20 -9.57 -12.52
C TYR A 116 6.81 -8.98 -12.28
N THR A 117 5.85 -9.76 -11.78
CA THR A 117 4.50 -9.24 -11.57
C THR A 117 4.31 -8.65 -10.18
N GLU A 118 3.24 -7.87 -10.00
CA GLU A 118 2.97 -7.15 -8.78
C GLU A 118 2.32 -7.97 -7.67
N ASP A 119 2.09 -9.28 -7.84
CA ASP A 119 1.54 -10.05 -6.71
C ASP A 119 2.66 -10.17 -5.70
N TYR A 120 2.32 -10.29 -4.40
CA TYR A 120 3.35 -10.39 -3.39
C TYR A 120 4.29 -11.58 -3.64
N GLN A 121 3.76 -12.74 -3.99
CA GLN A 121 4.67 -13.90 -4.20
C GLN A 121 5.83 -13.60 -5.12
N SER A 122 5.54 -13.01 -6.28
CA SER A 122 6.55 -12.65 -7.28
C SER A 122 7.49 -11.56 -6.85
N ILE A 123 7.03 -10.50 -6.13
CA ILE A 123 7.96 -9.54 -5.60
C ILE A 123 8.85 -10.18 -4.54
N GLU A 124 8.25 -11.02 -3.68
CA GLU A 124 9.00 -11.70 -2.64
C GLU A 124 10.08 -12.64 -3.20
N LYS A 125 9.77 -13.31 -4.29
CA LYS A 125 10.80 -14.14 -4.94
C LYS A 125 11.96 -13.21 -5.36
N ASN A 126 11.64 -12.06 -5.94
CA ASN A 126 12.70 -11.13 -6.36
C ASN A 126 13.43 -10.44 -5.24
N ALA A 127 12.90 -10.41 -4.01
CA ALA A 127 13.52 -9.85 -2.85
C ALA A 127 14.53 -10.83 -2.21
N GLN A 128 14.56 -12.07 -2.60
CA GLN A 128 15.50 -13.09 -2.11
C GLN A 128 15.55 -13.16 -0.58
N ILE A 129 14.45 -13.52 0.03
CA ILE A 129 14.39 -13.56 1.50
C ILE A 129 14.79 -14.98 1.91
N THR A 130 15.90 -15.13 2.62
CA THR A 130 16.33 -16.49 2.96
C THR A 130 15.90 -16.98 4.33
N GLN A 131 15.44 -16.10 5.21
CA GLN A 131 14.98 -16.55 6.51
C GLN A 131 13.52 -16.98 6.52
N GLY A 132 13.21 -17.71 7.59
CA GLY A 132 11.92 -18.22 7.93
C GLY A 132 11.08 -18.71 6.78
N ASP A 133 9.85 -18.19 6.67
CA ASP A 133 8.95 -18.65 5.60
C ASP A 133 9.28 -18.09 4.23
N LYS A 134 10.28 -17.23 4.09
CA LYS A 134 10.71 -16.63 2.84
C LYS A 134 9.73 -15.59 2.28
N SER A 135 8.82 -15.09 3.08
CA SER A 135 7.85 -14.08 2.64
C SER A 135 8.21 -12.73 3.22
N ARG A 136 7.43 -11.70 2.86
CA ARG A 136 7.59 -10.34 3.40
C ARG A 136 7.45 -10.31 4.92
N LYS A 137 6.77 -11.27 5.43
CA LYS A 137 6.60 -11.26 6.88
C LYS A 137 7.94 -11.21 7.59
N GLU A 138 8.93 -11.94 7.12
CA GLU A 138 10.24 -11.93 7.76
C GLU A 138 10.99 -10.61 7.69
N LEU A 139 10.61 -9.64 6.81
CA LEU A 139 11.34 -8.37 6.79
C LEU A 139 10.90 -7.39 7.88
N GLY A 140 9.72 -7.56 8.46
CA GLY A 140 9.24 -6.63 9.47
C GLY A 140 8.56 -5.43 8.77
N LEU A 141 8.22 -4.43 9.57
CA LEU A 141 7.52 -3.23 9.17
C LEU A 141 8.09 -2.06 10.00
N GLY A 142 7.66 -0.82 9.74
CA GLY A 142 8.14 0.26 10.61
C GLY A 142 8.70 1.42 9.80
N ILE A 143 8.62 2.61 10.37
CA ILE A 143 9.13 3.79 9.68
C ILE A 143 10.61 3.70 9.39
N ASP A 144 11.41 3.29 10.39
CA ASP A 144 12.86 3.23 10.18
C ASP A 144 13.21 2.23 9.08
N LEU A 145 12.48 1.12 8.99
CA LEU A 145 12.72 0.16 7.92
C LEU A 145 12.34 0.76 6.55
N LEU A 146 11.26 1.52 6.41
CA LEU A 146 10.90 2.18 5.15
C LEU A 146 12.00 3.16 4.70
N LEU A 147 12.52 3.91 5.65
CA LEU A 147 13.60 4.85 5.41
C LEU A 147 14.87 4.14 4.95
N THR A 148 15.28 3.04 5.59
CA THR A 148 16.50 2.38 5.13
C THR A 148 16.38 1.76 3.74
N PHE A 149 15.25 1.15 3.44
CA PHE A 149 14.98 0.54 2.15
C PHE A 149 14.79 1.60 1.07
N MET A 150 14.19 2.74 1.39
CA MET A 150 14.07 3.85 0.47
C MET A 150 15.45 4.37 0.09
N GLU A 151 16.31 4.51 1.11
CA GLU A 151 17.65 5.02 0.87
C GLU A 151 18.49 4.05 0.05
N ALA A 152 18.20 2.75 0.08
CA ALA A 152 18.96 1.85 -0.75
C ALA A 152 18.55 2.03 -2.22
N VAL A 153 17.46 2.70 -2.58
CA VAL A 153 17.19 2.88 -4.02
C VAL A 153 17.41 4.33 -4.44
N ASN A 154 17.45 5.25 -3.49
CA ASN A 154 17.52 6.68 -3.79
C ASN A 154 18.93 7.06 -4.30
N LYS A 155 19.04 7.44 -5.56
CA LYS A 155 20.32 7.81 -6.15
C LYS A 155 21.35 6.69 -6.09
N LYS A 156 20.94 5.50 -6.40
CA LYS A 156 21.77 4.32 -6.39
C LYS A 156 21.48 3.55 -7.70
N ALA A 157 22.43 2.70 -8.02
CA ALA A 157 22.25 1.85 -9.21
C ALA A 157 21.13 0.88 -8.87
N ARG A 158 20.33 0.47 -9.82
CA ARG A 158 19.22 -0.42 -9.58
C ARG A 158 19.73 -1.80 -9.22
N VAL A 159 19.20 -2.41 -8.16
CA VAL A 159 19.59 -3.74 -7.73
C VAL A 159 18.26 -4.43 -7.39
N VAL A 160 17.91 -5.46 -8.13
CA VAL A 160 16.59 -6.05 -8.00
C VAL A 160 16.22 -6.38 -6.56
N LYS A 161 17.16 -6.93 -5.79
CA LYS A 161 16.83 -7.28 -4.39
C LYS A 161 16.45 -6.05 -3.58
N ASN A 162 17.20 -4.94 -3.71
CA ASN A 162 16.89 -3.72 -2.97
C ASN A 162 15.54 -3.16 -3.43
N GLU A 163 15.33 -3.16 -4.75
CA GLU A 163 14.08 -2.63 -5.30
C GLU A 163 12.86 -3.40 -4.78
N ALA A 164 12.93 -4.72 -4.85
CA ALA A 164 11.85 -5.58 -4.45
C ALA A 164 11.59 -5.44 -2.96
N ARG A 165 12.66 -5.30 -2.16
CA ARG A 165 12.48 -5.11 -0.73
C ARG A 165 11.83 -3.77 -0.45
N PHE A 166 12.25 -2.76 -1.18
CA PHE A 166 11.65 -1.43 -1.03
C PHE A 166 10.15 -1.51 -1.34
N LEU A 167 9.79 -2.09 -2.49
CA LEU A 167 8.38 -2.26 -2.84
C LEU A 167 7.58 -2.96 -1.77
N LEU A 168 8.09 -4.10 -1.25
CA LEU A 168 7.32 -4.82 -0.24
C LEU A 168 6.98 -3.94 0.95
N ILE A 169 7.92 -3.13 1.43
CA ILE A 169 7.70 -2.28 2.57
C ILE A 169 6.83 -1.08 2.19
N ALA A 170 7.13 -0.47 1.02
CA ALA A 170 6.40 0.75 0.68
C ALA A 170 4.91 0.48 0.45
N ILE A 171 4.62 -0.67 -0.20
CA ILE A 171 3.20 -0.99 -0.44
C ILE A 171 2.47 -1.21 0.87
N GLN A 172 3.07 -1.95 1.79
CA GLN A 172 2.43 -2.26 3.09
C GLN A 172 2.23 -1.01 3.94
N MET A 173 3.21 -0.09 3.85
CA MET A 173 3.18 1.14 4.64
C MET A 173 2.36 2.26 4.01
N THR A 174 1.62 2.01 2.94
CA THR A 174 0.79 2.99 2.31
C THR A 174 -0.59 2.35 2.07
N ALA A 175 -0.69 1.44 1.10
CA ALA A 175 -1.98 0.85 0.77
C ALA A 175 -2.49 -0.11 1.85
N GLU A 176 -1.62 -0.96 2.45
CA GLU A 176 -2.22 -1.92 3.40
C GLU A 176 -2.61 -1.22 4.69
N VAL A 177 -1.84 -0.22 5.11
CA VAL A 177 -2.18 0.49 6.35
C VAL A 177 -3.44 1.32 6.11
N ALA A 178 -3.66 1.83 4.90
CA ALA A 178 -4.89 2.53 4.57
C ALA A 178 -6.09 1.58 4.67
N ARG A 179 -5.93 0.34 4.22
CA ARG A 179 -7.03 -0.63 4.29
C ARG A 179 -7.30 -1.16 5.70
N PHE A 180 -6.19 -1.36 6.47
CA PHE A 180 -6.32 -2.10 7.72
C PHE A 180 -5.77 -1.32 8.90
N ARG A 181 -6.64 -0.88 9.81
CA ARG A 181 -6.21 -0.15 10.97
C ARG A 181 -5.43 -1.01 11.93
N TYR A 182 -5.61 -2.33 11.93
CA TYR A 182 -4.72 -3.14 12.78
C TYR A 182 -3.25 -2.85 12.44
N ILE A 183 -2.90 -2.82 11.14
CA ILE A 183 -1.53 -2.62 10.72
C ILE A 183 -1.07 -1.20 11.00
N GLN A 184 -1.95 -0.23 10.71
CA GLN A 184 -1.63 1.15 11.08
C GLN A 184 -1.27 1.27 12.57
N ASN A 185 -2.09 0.69 13.44
CA ASN A 185 -1.88 0.76 14.90
C ASN A 185 -0.59 0.09 15.31
N LEU A 186 -0.18 -0.98 14.61
CA LEU A 186 1.12 -1.55 14.91
C LEU A 186 2.25 -0.54 14.65
N VAL A 187 2.18 0.13 13.49
CA VAL A 187 3.25 1.09 13.15
C VAL A 187 3.31 2.18 14.21
N THR A 188 2.15 2.72 14.60
CA THR A 188 1.96 3.77 15.60
C THR A 188 2.41 3.41 17.00
N LYS A 189 2.06 2.23 17.49
CA LYS A 189 2.48 1.73 18.79
C LYS A 189 3.99 1.57 18.87
N ASN A 190 4.67 1.25 17.79
CA ASN A 190 6.10 1.04 17.78
C ASN A 190 6.86 2.21 17.16
N PHE A 191 6.22 3.35 16.94
CA PHE A 191 6.82 4.46 16.26
C PHE A 191 8.13 4.96 16.80
N PRO A 192 9.15 5.18 15.99
CA PRO A 192 9.32 4.99 14.59
C PRO A 192 10.03 3.71 14.26
N ASN A 193 10.22 2.83 15.26
CA ASN A 193 11.09 1.68 15.05
C ASN A 193 10.61 0.62 14.07
N LYS A 194 11.59 -0.17 13.65
CA LYS A 194 11.35 -1.41 12.92
C LYS A 194 10.75 -2.41 13.91
N PHE A 195 9.80 -3.25 13.56
CA PHE A 195 9.20 -4.21 14.46
C PHE A 195 8.78 -5.46 13.64
N ASP A 196 8.57 -6.57 14.35
CA ASP A 196 8.22 -7.79 13.65
C ASP A 196 6.79 -7.71 13.09
N SER A 197 6.58 -8.33 11.93
CA SER A 197 5.25 -8.46 11.40
C SER A 197 4.69 -9.75 12.02
N ASP A 198 3.47 -10.16 11.77
CA ASP A 198 2.93 -11.39 12.40
C ASP A 198 1.99 -12.02 11.38
N ASN A 199 1.40 -13.17 11.68
CA ASN A 199 0.53 -13.81 10.72
C ASN A 199 -0.75 -13.01 10.55
N LYS A 200 -1.16 -12.26 11.57
CA LYS A 200 -2.41 -11.52 11.45
C LYS A 200 -2.30 -10.45 10.36
N VAL A 201 -1.14 -9.81 10.25
CA VAL A 201 -0.89 -8.82 9.21
C VAL A 201 -1.09 -9.44 7.84
N ILE A 202 -0.41 -10.57 7.60
CA ILE A 202 -0.48 -11.34 6.36
C ILE A 202 -1.91 -11.79 6.10
N GLN A 203 -2.61 -12.30 7.12
CA GLN A 203 -4.00 -12.74 6.94
C GLN A 203 -4.94 -11.60 6.54
N PHE A 204 -4.81 -10.43 7.18
CA PHE A 204 -5.62 -9.30 6.70
C PHE A 204 -5.30 -9.03 5.23
N GLU A 205 -4.03 -8.87 4.87
CA GLU A 205 -3.64 -8.53 3.51
C GLU A 205 -4.21 -9.46 2.45
N VAL A 206 -4.26 -10.78 2.71
CA VAL A 206 -4.80 -11.62 1.64
C VAL A 206 -6.31 -11.71 1.67
N SER A 207 -6.96 -11.11 2.67
CA SER A 207 -8.42 -11.25 2.79
C SER A 207 -9.19 -9.99 2.51
N TRP A 208 -8.60 -8.96 1.92
CA TRP A 208 -9.30 -7.69 1.75
C TRP A 208 -10.64 -7.89 1.06
N ARG A 209 -10.55 -8.66 -0.04
CA ARG A 209 -11.73 -8.92 -0.86
C ARG A 209 -12.74 -9.78 -0.13
N LYS A 210 -12.32 -10.86 0.53
CA LYS A 210 -13.35 -11.67 1.27
C LYS A 210 -13.99 -10.85 2.40
N ILE A 211 -13.17 -10.00 3.08
CA ILE A 211 -13.76 -9.14 4.10
C ILE A 211 -14.79 -8.17 3.54
N SER A 212 -14.41 -7.48 2.46
CA SER A 212 -15.29 -6.49 1.87
C SER A 212 -16.57 -7.09 1.39
N THR A 213 -16.51 -8.25 0.70
CA THR A 213 -17.76 -8.82 0.19
C THR A 213 -18.63 -9.39 1.30
N ALA A 214 -18.04 -9.87 2.38
CA ALA A 214 -18.83 -10.39 3.50
C ALA A 214 -19.57 -9.24 4.20
N ILE A 215 -18.91 -8.08 4.35
CA ILE A 215 -19.60 -6.93 5.01
C ILE A 215 -20.72 -6.43 4.12
N TYR A 216 -20.40 -6.32 2.82
CA TYR A 216 -21.39 -5.88 1.86
C TYR A 216 -22.60 -6.86 1.86
N GLY A 217 -22.35 -8.15 1.65
CA GLY A 217 -23.52 -9.02 1.48
C GLY A 217 -23.94 -9.93 2.61
N ASP A 218 -23.26 -9.98 3.74
CA ASP A 218 -23.56 -10.99 4.75
C ASP A 218 -23.51 -10.37 6.15
N ALA A 219 -23.68 -9.04 6.19
CA ALA A 219 -23.65 -8.31 7.45
C ALA A 219 -24.87 -7.40 7.56
N LYS A 220 -25.40 -7.23 8.77
CA LYS A 220 -26.53 -6.32 8.97
C LYS A 220 -26.24 -5.56 10.25
N ASN A 221 -26.30 -4.24 10.17
CA ASN A 221 -25.98 -3.39 11.33
C ASN A 221 -24.63 -3.79 11.94
N GLY A 222 -23.59 -4.02 11.14
CA GLY A 222 -22.29 -4.32 11.69
C GLY A 222 -22.11 -5.71 12.26
N VAL A 223 -23.06 -6.62 12.07
CA VAL A 223 -22.83 -7.99 12.56
C VAL A 223 -23.11 -9.00 11.45
N PHE A 224 -22.17 -9.92 11.33
CA PHE A 224 -22.14 -10.91 10.27
C PHE A 224 -23.29 -11.90 10.57
N ASN A 225 -23.95 -12.40 9.54
CA ASN A 225 -25.01 -13.37 9.72
C ASN A 225 -24.48 -14.69 10.26
N LYS A 226 -23.21 -15.00 10.14
CA LYS A 226 -22.60 -16.21 10.67
C LYS A 226 -21.14 -15.93 10.99
N ASP A 227 -20.46 -16.87 11.66
CA ASP A 227 -19.06 -16.63 11.98
C ASP A 227 -18.18 -16.65 10.72
N TYR A 228 -17.17 -15.79 10.73
CA TYR A 228 -16.17 -15.74 9.66
C TYR A 228 -14.84 -16.04 10.33
N ASP A 229 -13.88 -16.57 9.59
CA ASP A 229 -12.55 -16.82 10.14
C ASP A 229 -11.56 -16.47 9.03
N PHE A 230 -10.68 -15.53 9.28
CA PHE A 230 -9.66 -15.15 8.29
C PHE A 230 -8.30 -15.65 8.72
N GLY A 231 -8.31 -16.52 9.73
CA GLY A 231 -7.11 -17.10 10.30
C GLY A 231 -6.74 -16.62 11.69
N PHE A 232 -7.38 -15.61 12.24
CA PHE A 232 -6.96 -15.13 13.57
C PHE A 232 -8.11 -15.29 14.57
N GLY A 233 -9.00 -16.27 14.34
CA GLY A 233 -10.12 -16.47 15.25
C GLY A 233 -11.46 -16.22 14.58
N LYS A 234 -12.49 -16.81 15.17
CA LYS A 234 -13.84 -16.58 14.66
C LYS A 234 -14.31 -15.18 14.98
N VAL A 235 -14.94 -14.54 13.99
CA VAL A 235 -15.41 -13.18 14.17
C VAL A 235 -16.88 -13.08 13.79
N ARG A 236 -17.66 -12.33 14.51
CA ARG A 236 -19.05 -12.05 14.26
C ARG A 236 -19.32 -10.55 14.20
N GLN A 237 -18.57 -9.73 14.96
CA GLN A 237 -18.73 -8.29 14.94
C GLN A 237 -17.74 -7.68 13.92
N VAL A 238 -18.23 -6.87 12.99
CA VAL A 238 -17.38 -6.30 11.94
C VAL A 238 -16.32 -5.42 12.60
N LYS A 239 -16.67 -4.76 13.71
CA LYS A 239 -15.67 -3.91 14.39
C LYS A 239 -14.49 -4.65 14.93
N ASP A 240 -14.46 -5.98 15.16
CA ASP A 240 -13.21 -6.65 15.47
C ASP A 240 -12.19 -6.64 14.32
N LEU A 241 -12.60 -6.38 13.09
CA LEU A 241 -11.65 -6.37 11.96
C LEU A 241 -10.90 -5.05 11.86
N GLN A 242 -11.30 -4.02 12.57
CA GLN A 242 -10.64 -2.71 12.55
C GLN A 242 -10.32 -2.24 11.12
N MET A 243 -11.33 -2.22 10.27
CA MET A 243 -11.13 -1.91 8.86
C MET A 243 -10.91 -0.41 8.63
N GLY A 244 -10.03 -0.07 7.67
CA GLY A 244 -9.90 1.37 7.35
C GLY A 244 -10.55 1.68 6.00
N LEU A 245 -10.60 0.73 5.05
CA LEU A 245 -11.18 1.02 3.77
C LEU A 245 -11.66 -0.28 3.14
N LEU A 246 -12.85 -0.25 2.60
CA LEU A 246 -13.35 -1.42 1.89
C LEU A 246 -13.21 -1.26 0.38
N MET A 247 -13.24 -2.42 -0.30
CA MET A 247 -13.17 -2.36 -1.78
C MET A 247 -14.51 -1.85 -2.27
N TYR A 248 -14.53 -1.21 -3.42
CA TYR A 248 -15.70 -0.71 -4.09
C TYR A 248 -16.44 -1.93 -4.66
N LEU A 249 -17.74 -2.04 -4.37
CA LEU A 249 -18.53 -3.15 -4.81
C LEU A 249 -19.84 -2.64 -5.41
N GLY A 250 -19.88 -1.36 -5.73
CA GLY A 250 -21.09 -0.75 -6.30
C GLY A 250 -21.98 -0.17 -5.22
N LYS A 251 -23.24 0.05 -5.57
CA LYS A 251 -24.26 0.56 -4.65
C LYS A 251 -24.60 -0.45 -3.57
N PRO A 252 -24.79 0.01 -2.36
CA PRO A 252 -25.16 -0.82 -1.25
C PRO A 252 -26.46 -1.58 -1.54
N LYS A 253 -26.55 -2.76 -0.95
CA LYS A 253 -27.73 -3.59 -1.01
C LYS A 253 -28.71 -3.21 -2.11
S SO4 B . -16.61 -12.63 -4.90
O1 SO4 B . -17.70 -12.54 -3.94
O2 SO4 B . -15.31 -12.38 -4.20
O3 SO4 B . -16.73 -11.67 -6.03
O4 SO4 B . -16.51 -14.00 -5.52
#